data_8SSU
#
_entry.id   8SSU
#
_cell.length_a   80.464
_cell.length_b   80.464
_cell.length_c   187.598
_cell.angle_alpha   90.000
_cell.angle_beta   90.000
_cell.angle_gamma   120.000
#
_symmetry.space_group_name_H-M   'P 32 2 1'
#
loop_
_entity.id
_entity.type
_entity.pdbx_description
1 polymer 'Transcriptional repressor CTCF,LIM domain-binding protein 1'
2 polymer 'DNA (19-MER) Strand I'
3 polymer 'DNA (19-MER) Strand II'
4 non-polymer 1,2-ETHANEDIOL
5 non-polymer 'ZINC ION'
6 water water
#
loop_
_entity_poly.entity_id
_entity_poly.type
_entity_poly.pdbx_seq_one_letter_code
_entity_poly.pdbx_strand_id
1 'polypeptide(L)'
;RPHKCPDCDMAFVTSGELVRHRRYKHTHEKPFKCSMCDYASVEVSKLKRHIRSHTGERPFQCSLCSYASRDTYKLKRHMR
THSGEKPYECYICHARFTQSGTMKMHILQKHTENVAKFHCPHCDTVIARKSDLGVHLRKQHSYIEQGKKCRYCDAVFHER
YALIQHQKSHKNEKRFKCDQCDYACRQERHMIMHKRTHTGEKPYACSHCDKTFRQKQLLDMHFKRYHDPNFVPAAFVCSK
CGKTFTRRNTMARHADNCAGPDGGSGGHMGSGGLVPRGSGGTRCGLSNSTLNYLRLCVILEPMQELMSRHKTYSLSPRDC
LKTCLFQKWQRMVAPPAEPTRQQPS
;
A
2 'polydeoxyribonucleotide' (DT)(DG)(DC)(DG)(DC)(DC)(DC)(DC)(DC)(DT)(DG)(DC)(DT)(DG)(DG)(DT)(DC)(DC)(DT) B
3 'polydeoxyribonucleotide' (DA)(DG)(DG)(DA)(DC)(DC)(DA)(DG)(DC)(DA)(DG)(DG)(DG)(DG)(DG)(DC)(DG)(DC)(DA) C
#
loop_
_chem_comp.id
_chem_comp.type
_chem_comp.name
_chem_comp.formula
DA DNA linking 2'-DEOXYADENOSINE-5'-MONOPHOSPHATE 'C10 H14 N5 O6 P'
DC DNA linking 2'-DEOXYCYTIDINE-5'-MONOPHOSPHATE 'C9 H14 N3 O7 P'
DG DNA linking 2'-DEOXYGUANOSINE-5'-MONOPHOSPHATE 'C10 H14 N5 O7 P'
DT DNA linking THYMIDINE-5'-MONOPHOSPHATE 'C10 H15 N2 O8 P'
EDO non-polymer 1,2-ETHANEDIOL 'C2 H6 O2'
ZN non-polymer 'ZINC ION' 'Zn 2'
#
# COMPACT_ATOMS: atom_id res chain seq x y z
N ARG A 1 12.49 50.48 33.17
CA ARG A 1 13.58 49.61 32.75
C ARG A 1 13.07 48.30 32.19
N PRO A 2 13.50 47.96 30.97
CA PRO A 2 13.16 46.66 30.40
C PRO A 2 13.88 45.53 31.14
N HIS A 3 13.27 44.36 31.13
CA HIS A 3 13.81 43.17 31.77
C HIS A 3 14.49 42.30 30.72
N LYS A 4 15.80 42.12 30.86
CA LYS A 4 16.63 41.46 29.86
C LYS A 4 16.94 40.03 30.30
N CYS A 5 16.79 39.08 29.37
CA CYS A 5 17.06 37.69 29.68
C CYS A 5 18.56 37.47 29.85
N PRO A 6 18.99 36.79 30.92
CA PRO A 6 20.44 36.59 31.11
C PRO A 6 21.12 35.80 30.01
N ASP A 7 20.41 34.84 29.39
CA ASP A 7 21.06 33.86 28.52
C ASP A 7 20.83 34.11 27.04
N CYS A 8 20.06 35.14 26.67
CA CYS A 8 19.76 35.37 25.26
C CYS A 8 19.35 36.83 25.08
N ASP A 9 19.08 37.19 23.83
CA ASP A 9 18.69 38.55 23.46
C ASP A 9 17.16 38.67 23.45
N MET A 10 16.59 38.60 24.65
CA MET A 10 15.16 38.76 24.82
C MET A 10 14.90 39.80 25.91
N ALA A 11 13.99 40.74 25.62
CA ALA A 11 13.62 41.78 26.56
C ALA A 11 12.11 41.75 26.75
N PHE A 12 11.65 42.01 27.97
CA PHE A 12 10.24 41.95 28.31
C PHE A 12 9.86 43.14 29.17
N VAL A 13 8.58 43.49 29.11
CA VAL A 13 8.09 44.66 29.84
C VAL A 13 8.07 44.38 31.34
N THR A 14 7.58 43.22 31.74
CA THR A 14 7.39 42.89 33.15
C THR A 14 8.28 41.73 33.56
N SER A 15 8.49 41.62 34.87
CA SER A 15 9.29 40.51 35.41
CA SER A 15 9.29 40.52 35.40
C SER A 15 8.60 39.18 35.17
N GLY A 16 7.27 39.15 35.26
CA GLY A 16 6.54 37.90 35.06
C GLY A 16 6.73 37.33 33.67
N GLU A 17 6.78 38.20 32.65
CA GLU A 17 7.05 37.73 31.30
C GLU A 17 8.45 37.13 31.19
N LEU A 18 9.42 37.74 31.87
CA LEU A 18 10.80 37.24 31.80
C LEU A 18 10.94 35.89 32.48
N VAL A 19 10.33 35.72 33.68
CA VAL A 19 10.41 34.43 34.34
C VAL A 19 9.64 33.39 33.55
N ARG A 20 8.54 33.78 32.91
CA ARG A 20 7.83 32.86 32.04
C ARG A 20 8.71 32.42 30.87
N HIS A 21 9.42 33.38 30.25
CA HIS A 21 10.28 33.04 29.13
C HIS A 21 11.41 32.10 29.54
N ARG A 22 12.03 32.36 30.68
CA ARG A 22 13.12 31.49 31.12
C ARG A 22 12.62 30.09 31.43
N ARG A 23 11.39 29.95 31.90
CA ARG A 23 10.83 28.63 32.13
C ARG A 23 10.57 27.91 30.81
N TYR A 24 10.16 28.64 29.77
CA TYR A 24 9.87 28.00 28.50
C TYR A 24 11.14 27.51 27.81
N LYS A 25 12.17 28.34 27.75
CA LYS A 25 13.32 28.07 26.90
C LYS A 25 14.59 27.69 27.65
N HIS A 26 14.76 28.14 28.90
CA HIS A 26 16.03 27.99 29.61
C HIS A 26 15.96 26.97 30.74
N THR A 27 15.04 27.13 31.69
CA THR A 27 15.00 26.25 32.86
C THR A 27 14.09 25.04 32.66
N HIS A 28 13.12 25.13 31.74
CA HIS A 28 12.17 24.05 31.49
C HIS A 28 11.46 23.62 32.77
N GLU A 29 11.09 24.60 33.59
CA GLU A 29 10.35 24.35 34.82
C GLU A 29 8.86 24.50 34.54
N LYS A 30 8.11 23.43 34.73
CA LYS A 30 6.66 23.42 34.50
C LYS A 30 5.95 23.12 35.81
N PRO A 31 5.46 24.14 36.53
CA PRO A 31 4.92 23.92 37.88
C PRO A 31 3.46 23.49 37.94
N PHE A 32 2.72 23.53 36.83
CA PHE A 32 1.30 23.22 36.81
C PHE A 32 1.08 21.84 36.22
N LYS A 33 0.80 20.86 37.06
CA LYS A 33 0.67 19.47 36.67
C LYS A 33 -0.80 19.07 36.58
N CYS A 34 -1.11 18.23 35.61
CA CYS A 34 -2.46 17.69 35.48
C CYS A 34 -2.73 16.66 36.56
N SER A 35 -4.00 16.54 36.95
CA SER A 35 -4.42 15.59 37.96
C SER A 35 -4.82 14.23 37.39
N MET A 36 -4.69 14.05 36.07
CA MET A 36 -5.09 12.81 35.43
C MET A 36 -3.99 12.15 34.59
N CYS A 37 -3.01 12.92 34.13
CA CYS A 37 -1.91 12.37 33.32
C CYS A 37 -0.63 13.04 33.78
N ASP A 38 0.43 12.86 33.00
CA ASP A 38 1.74 13.41 33.34
C ASP A 38 1.98 14.80 32.76
N TYR A 39 1.00 15.39 32.09
CA TYR A 39 1.21 16.66 31.43
C TYR A 39 1.48 17.76 32.44
N ALA A 40 2.51 18.56 32.16
CA ALA A 40 2.83 19.76 32.93
C ALA A 40 3.10 20.89 31.97
N SER A 41 2.69 22.10 32.34
CA SER A 41 2.82 23.27 31.47
C SER A 41 3.37 24.44 32.26
N VAL A 42 4.00 25.36 31.53
CA VAL A 42 4.50 26.59 32.14
C VAL A 42 3.35 27.48 32.57
N GLU A 43 2.28 27.54 31.78
CA GLU A 43 1.15 28.42 32.02
C GLU A 43 -0.08 27.64 32.44
N VAL A 44 -0.92 28.29 33.24
CA VAL A 44 -2.19 27.70 33.65
C VAL A 44 -3.12 27.55 32.44
N SER A 45 -3.07 28.50 31.52
CA SER A 45 -3.94 28.46 30.34
C SER A 45 -3.68 27.19 29.52
N LYS A 46 -2.41 26.82 29.34
CA LYS A 46 -2.10 25.59 28.63
C LYS A 46 -2.64 24.37 29.37
N LEU A 47 -2.54 24.36 30.70
CA LEU A 47 -3.06 23.25 31.48
C LEU A 47 -4.57 23.16 31.37
N LYS A 48 -5.26 24.31 31.45
CA LYS A 48 -6.71 24.30 31.31
C LYS A 48 -7.12 23.84 29.91
N ARG A 49 -6.36 24.21 28.89
CA ARG A 49 -6.61 23.69 27.55
C ARG A 49 -6.40 22.18 27.51
N HIS A 50 -5.35 21.69 28.16
CA HIS A 50 -5.08 20.25 28.18
C HIS A 50 -6.21 19.50 28.90
N ILE A 51 -6.76 20.08 29.96
CA ILE A 51 -7.84 19.41 30.68
C ILE A 51 -9.07 19.28 29.81
N ARG A 52 -9.33 20.26 28.93
CA ARG A 52 -10.46 20.13 28.02
C ARG A 52 -10.34 18.90 27.14
N SER A 53 -9.11 18.47 26.84
CA SER A 53 -8.92 17.22 26.11
C SER A 53 -9.40 16.01 26.92
N HIS A 54 -9.16 16.02 28.23
CA HIS A 54 -9.63 14.94 29.08
C HIS A 54 -11.16 14.91 29.17
N THR A 55 -11.79 16.07 29.32
CA THR A 55 -13.24 16.14 29.47
C THR A 55 -13.97 16.19 28.14
N GLY A 56 -13.28 16.46 27.03
CA GLY A 56 -13.93 16.52 25.75
C GLY A 56 -14.87 17.68 25.56
N GLU A 57 -14.75 18.72 26.38
CA GLU A 57 -15.62 19.89 26.24
C GLU A 57 -15.30 20.62 24.94
N ARG A 58 -16.34 20.90 24.14
CA ARG A 58 -16.20 21.58 22.86
C ARG A 58 -17.10 22.80 22.85
N PRO A 59 -16.62 23.93 23.37
CA PRO A 59 -17.49 25.10 23.50
C PRO A 59 -17.68 25.88 22.20
N PHE A 60 -16.69 25.86 21.32
CA PHE A 60 -16.72 26.62 20.08
C PHE A 60 -17.33 25.77 18.98
N GLN A 61 -18.44 26.23 18.41
CA GLN A 61 -19.20 25.46 17.44
C GLN A 61 -19.26 26.19 16.11
N CYS A 62 -19.21 25.41 15.02
CA CYS A 62 -19.18 25.98 13.67
C CYS A 62 -20.59 26.33 13.21
N SER A 63 -20.74 27.54 12.67
CA SER A 63 -22.05 28.02 12.22
C SER A 63 -22.53 27.35 10.95
N LEU A 64 -21.69 26.57 10.27
CA LEU A 64 -22.09 25.90 9.03
C LEU A 64 -22.45 24.44 9.26
N CYS A 65 -21.62 23.70 10.00
CA CYS A 65 -21.82 22.27 10.18
C CYS A 65 -21.86 21.89 11.65
N SER A 66 -21.82 20.60 11.94
CA SER A 66 -21.90 20.09 13.30
C SER A 66 -20.55 20.09 14.02
N TYR A 67 -19.48 20.55 13.36
CA TYR A 67 -18.16 20.50 13.97
C TYR A 67 -18.06 21.47 15.15
N ALA A 68 -17.44 21.00 16.22
CA ALA A 68 -17.12 21.82 17.39
C ALA A 68 -15.71 21.48 17.85
N SER A 69 -14.96 22.51 18.25
CA SER A 69 -13.56 22.34 18.59
C SER A 69 -13.32 22.73 20.05
N ARG A 70 -12.16 22.32 20.55
CA ARG A 70 -11.69 22.68 21.88
C ARG A 70 -10.80 23.90 21.90
N ASP A 71 -10.55 24.50 20.74
CA ASP A 71 -9.71 25.69 20.63
C ASP A 71 -10.32 26.61 19.59
N THR A 72 -10.04 27.91 19.74
CA THR A 72 -10.57 28.89 18.80
C THR A 72 -9.86 28.82 17.45
N TYR A 73 -8.55 28.61 17.46
CA TYR A 73 -7.80 28.54 16.21
C TYR A 73 -8.23 27.35 15.38
N LYS A 74 -8.55 26.22 16.02
CA LYS A 74 -9.01 25.06 15.27
C LYS A 74 -10.28 25.37 14.50
N LEU A 75 -11.21 26.11 15.12
CA LEU A 75 -12.43 26.50 14.42
C LEU A 75 -12.12 27.44 13.27
N LYS A 76 -11.18 28.37 13.46
CA LYS A 76 -10.75 29.23 12.36
C LYS A 76 -10.13 28.40 11.25
N ARG A 77 -9.27 27.45 11.60
CA ARG A 77 -8.69 26.55 10.62
C ARG A 77 -9.77 25.74 9.92
N HIS A 78 -10.77 25.28 10.68
CA HIS A 78 -11.86 24.51 10.10
C HIS A 78 -12.65 25.31 9.08
N MET A 79 -12.73 26.62 9.26
CA MET A 79 -13.50 27.44 8.33
C MET A 79 -12.94 27.42 6.92
N ARG A 80 -11.65 27.09 6.77
CA ARG A 80 -11.06 27.01 5.44
C ARG A 80 -11.66 25.87 4.62
N THR A 81 -12.19 24.83 5.27
CA THR A 81 -12.85 23.76 4.53
C THR A 81 -14.15 24.24 3.90
N HIS A 82 -14.87 25.14 4.57
CA HIS A 82 -16.10 25.68 4.00
C HIS A 82 -15.81 26.78 2.98
N SER A 83 -14.89 27.69 3.31
CA SER A 83 -14.57 28.81 2.44
C SER A 83 -13.68 28.43 1.28
N GLY A 84 -13.02 27.27 1.34
CA GLY A 84 -12.06 26.92 0.32
C GLY A 84 -10.82 27.81 0.32
N GLU A 85 -10.59 28.55 1.40
CA GLU A 85 -9.45 29.45 1.45
C GLU A 85 -8.15 28.66 1.57
N LYS A 86 -7.16 29.05 0.77
CA LYS A 86 -5.84 28.40 0.76
C LYS A 86 -4.80 29.48 0.96
N PRO A 87 -4.54 29.88 2.20
CA PRO A 87 -3.62 30.99 2.46
C PRO A 87 -2.16 30.68 2.12
N TYR A 88 -1.66 29.55 2.59
CA TYR A 88 -0.24 29.24 2.44
C TYR A 88 0.08 28.90 0.99
N GLU A 89 1.14 29.52 0.47
CA GLU A 89 1.59 29.31 -0.91
C GLU A 89 3.03 28.83 -0.90
N CYS A 90 3.31 27.82 -1.72
CA CYS A 90 4.67 27.35 -1.87
C CYS A 90 5.55 28.45 -2.46
N TYR A 91 6.78 28.55 -1.96
CA TYR A 91 7.71 29.58 -2.42
C TYR A 91 8.53 29.12 -3.61
N ILE A 92 8.19 28.00 -4.22
CA ILE A 92 8.92 27.49 -5.38
C ILE A 92 7.97 27.32 -6.55
N CYS A 93 6.95 26.47 -6.37
CA CYS A 93 5.97 26.20 -7.41
C CYS A 93 4.70 27.03 -7.27
N HIS A 94 4.61 27.87 -6.22
CA HIS A 94 3.46 28.75 -5.99
C HIS A 94 2.15 27.97 -5.90
N ALA A 95 2.19 26.81 -5.25
CA ALA A 95 1.00 26.01 -5.04
C ALA A 95 0.28 26.46 -3.78
N ARG A 96 -1.05 26.37 -3.81
CA ARG A 96 -1.89 26.80 -2.70
C ARG A 96 -2.18 25.65 -1.76
N PHE A 97 -2.19 25.93 -0.46
CA PHE A 97 -2.46 24.93 0.57
C PHE A 97 -3.32 25.54 1.66
N THR A 98 -4.07 24.68 2.35
CA THR A 98 -4.95 25.12 3.43
C THR A 98 -4.24 25.26 4.77
N GLN A 99 -3.22 24.44 5.03
CA GLN A 99 -2.54 24.44 6.32
C GLN A 99 -1.04 24.56 6.10
N SER A 100 -0.35 25.15 7.08
CA SER A 100 1.09 25.31 6.99
C SER A 100 1.81 23.97 7.02
N GLY A 101 1.33 23.03 7.84
CA GLY A 101 1.92 21.70 7.85
C GLY A 101 1.82 21.01 6.50
N THR A 102 0.72 21.22 5.78
CA THR A 102 0.58 20.67 4.45
C THR A 102 1.65 21.21 3.51
N MET A 103 1.93 22.51 3.58
CA MET A 103 2.98 23.09 2.74
C MET A 103 4.36 22.55 3.13
N LYS A 104 4.58 22.33 4.43
CA LYS A 104 5.86 21.77 4.86
C LYS A 104 6.08 20.39 4.27
N MET A 105 5.02 19.57 4.24
CA MET A 105 5.11 18.26 3.61
C MET A 105 5.41 18.38 2.13
N HIS A 106 4.76 19.33 1.44
CA HIS A 106 4.92 19.46 0.01
C HIS A 106 6.37 19.75 -0.39
N ILE A 107 6.99 20.74 0.27
CA ILE A 107 8.36 21.10 -0.08
C ILE A 107 9.31 19.96 0.26
N LEU A 108 8.98 19.16 1.29
CA LEU A 108 9.82 18.02 1.65
C LEU A 108 9.80 16.96 0.55
N GLN A 109 8.61 16.56 0.12
CA GLN A 109 8.49 15.45 -0.82
C GLN A 109 8.84 15.84 -2.25
N LYS A 110 8.53 17.08 -2.65
CA LYS A 110 8.63 17.49 -4.05
C LYS A 110 9.73 18.50 -4.32
N HIS A 111 10.52 18.87 -3.30
CA HIS A 111 11.61 19.81 -3.53
C HIS A 111 12.88 19.45 -2.77
N THR A 112 12.95 18.29 -2.13
CA THR A 112 14.10 17.91 -1.33
C THR A 112 14.63 16.56 -1.80
N GLU A 113 15.96 16.40 -1.76
CA GLU A 113 16.61 15.16 -2.12
C GLU A 113 17.02 14.40 -0.86
N ASN A 114 17.47 13.15 -1.08
CA ASN A 114 17.91 12.27 0.00
C ASN A 114 16.83 12.10 1.08
N VAL A 115 15.58 12.02 0.64
CA VAL A 115 14.47 11.84 1.56
C VAL A 115 14.43 10.38 2.01
N ALA A 116 14.29 10.17 3.32
CA ALA A 116 14.28 8.83 3.88
C ALA A 116 12.96 8.15 3.53
N LYS A 117 13.01 7.17 2.64
CA LYS A 117 11.82 6.43 2.23
C LYS A 117 11.74 5.12 2.98
N PHE A 118 10.51 4.68 3.25
CA PHE A 118 10.25 3.55 4.14
C PHE A 118 10.02 2.28 3.33
N HIS A 119 10.63 1.20 3.78
CA HIS A 119 10.47 -0.10 3.16
C HIS A 119 9.45 -0.92 3.94
N CYS A 120 8.63 -1.67 3.22
CA CYS A 120 7.69 -2.55 3.89
C CYS A 120 8.42 -3.71 4.55
N PRO A 121 8.16 -4.00 5.82
CA PRO A 121 8.84 -5.14 6.46
C PRO A 121 8.47 -6.48 5.86
N HIS A 122 7.30 -6.60 5.26
CA HIS A 122 6.80 -7.88 4.76
C HIS A 122 7.07 -8.08 3.27
N CYS A 123 6.93 -7.04 2.45
CA CYS A 123 7.16 -7.13 1.02
C CYS A 123 8.22 -6.12 0.59
N ASP A 124 8.71 -6.28 -0.63
CA ASP A 124 9.79 -5.45 -1.15
C ASP A 124 9.20 -4.28 -1.95
N THR A 125 8.62 -3.34 -1.21
CA THR A 125 8.09 -2.11 -1.79
C THR A 125 8.58 -0.91 -0.98
N VAL A 126 8.68 0.23 -1.65
CA VAL A 126 9.17 1.47 -1.05
C VAL A 126 8.07 2.51 -1.09
N ILE A 127 7.88 3.22 0.01
CA ILE A 127 6.81 4.21 0.15
C ILE A 127 7.41 5.54 0.54
N ALA A 128 6.90 6.62 -0.05
CA ALA A 128 7.40 7.96 0.25
C ALA A 128 6.94 8.43 1.62
N ARG A 129 5.61 8.48 1.84
CA ARG A 129 5.06 8.93 3.11
C ARG A 129 5.04 7.79 4.11
N LYS A 130 5.31 8.11 5.38
CA LYS A 130 5.20 7.11 6.44
C LYS A 130 3.76 6.64 6.61
N SER A 131 2.81 7.58 6.59
CA SER A 131 1.41 7.22 6.77
C SER A 131 0.90 6.33 5.63
N ASP A 132 1.40 6.53 4.41
CA ASP A 132 1.00 5.67 3.30
C ASP A 132 1.50 4.24 3.49
N LEU A 133 2.62 4.07 4.17
CA LEU A 133 3.05 2.72 4.52
C LEU A 133 2.06 2.05 5.47
N GLY A 134 1.49 2.83 6.39
CA GLY A 134 0.44 2.30 7.24
C GLY A 134 -0.79 1.88 6.44
N VAL A 135 -1.15 2.68 5.43
CA VAL A 135 -2.26 2.31 4.54
C VAL A 135 -1.93 1.02 3.81
N HIS A 136 -0.69 0.89 3.34
CA HIS A 136 -0.26 -0.34 2.68
C HIS A 136 -0.34 -1.53 3.62
N LEU A 137 0.11 -1.36 4.86
CA LEU A 137 0.07 -2.46 5.83
C LEU A 137 -1.36 -2.83 6.18
N ARG A 138 -2.23 -1.84 6.37
CA ARG A 138 -3.61 -2.14 6.75
C ARG A 138 -4.39 -2.79 5.62
N LYS A 139 -4.09 -2.43 4.37
CA LYS A 139 -4.82 -2.95 3.22
C LYS A 139 -4.25 -4.27 2.70
N GLN A 140 -2.92 -4.35 2.55
CA GLN A 140 -2.33 -5.51 1.89
C GLN A 140 -2.11 -6.67 2.84
N HIS A 141 -1.55 -6.39 4.02
CA HIS A 141 -1.02 -7.45 4.88
C HIS A 141 -1.93 -7.78 6.06
N SER A 142 -3.03 -7.08 6.25
CA SER A 142 -3.91 -7.37 7.38
C SER A 142 -4.75 -8.61 7.12
N TYR A 143 -4.99 -9.37 8.18
CA TYR A 143 -5.84 -10.55 8.08
C TYR A 143 -7.28 -10.14 7.76
N ILE A 144 -7.97 -11.01 7.04
CA ILE A 144 -9.37 -10.81 6.65
C ILE A 144 -10.15 -12.02 7.12
N GLU A 145 -11.18 -11.78 7.94
CA GLU A 145 -11.94 -12.90 8.51
C GLU A 145 -12.66 -13.68 7.43
N GLN A 146 -13.25 -12.99 6.46
CA GLN A 146 -13.96 -13.65 5.36
C GLN A 146 -13.00 -13.83 4.19
N GLY A 147 -12.59 -15.06 3.94
CA GLY A 147 -11.63 -15.31 2.88
C GLY A 147 -12.18 -14.98 1.50
N LYS A 148 -11.30 -14.48 0.64
CA LYS A 148 -11.64 -14.16 -0.74
C LYS A 148 -11.08 -15.23 -1.65
N LYS A 149 -11.95 -15.80 -2.48
CA LYS A 149 -11.53 -16.87 -3.38
C LYS A 149 -10.74 -16.32 -4.56
N CYS A 150 -9.85 -17.15 -5.09
CA CYS A 150 -9.09 -16.78 -6.27
C CYS A 150 -10.00 -16.65 -7.47
N ARG A 151 -9.72 -15.65 -8.31
CA ARG A 151 -10.52 -15.48 -9.53
C ARG A 151 -10.27 -16.60 -10.53
N TYR A 152 -9.07 -17.20 -10.50
CA TYR A 152 -8.69 -18.21 -11.48
C TYR A 152 -8.76 -19.63 -10.95
N CYS A 153 -8.57 -19.83 -9.65
CA CYS A 153 -8.59 -21.17 -9.05
C CYS A 153 -9.52 -21.16 -7.85
N ASP A 154 -9.58 -22.31 -7.16
CA ASP A 154 -10.46 -22.50 -6.02
C ASP A 154 -9.75 -22.33 -4.69
N ALA A 155 -8.51 -21.85 -4.69
CA ALA A 155 -7.82 -21.50 -3.46
C ALA A 155 -8.40 -20.21 -2.87
N VAL A 156 -8.36 -20.12 -1.54
CA VAL A 156 -8.88 -18.95 -0.83
C VAL A 156 -7.77 -18.37 0.02
N PHE A 157 -7.82 -17.05 0.20
CA PHE A 157 -6.80 -16.32 0.94
C PHE A 157 -7.46 -15.39 1.95
N HIS A 158 -6.74 -15.11 3.03
CA HIS A 158 -7.17 -14.17 4.04
C HIS A 158 -6.29 -12.93 4.09
N GLU A 159 -5.38 -12.76 3.12
CA GLU A 159 -4.51 -11.61 3.03
C GLU A 159 -4.50 -11.12 1.59
N ARG A 160 -4.66 -9.81 1.40
CA ARG A 160 -4.76 -9.27 0.04
C ARG A 160 -3.46 -9.47 -0.73
N TYR A 161 -2.31 -9.24 -0.08
CA TYR A 161 -1.03 -9.34 -0.78
C TYR A 161 -0.79 -10.76 -1.28
N ALA A 162 -1.06 -11.76 -0.45
CA ALA A 162 -0.87 -13.14 -0.88
C ALA A 162 -1.80 -13.49 -2.03
N LEU A 163 -3.04 -13.00 -1.97
CA LEU A 163 -4.00 -13.28 -3.04
C LEU A 163 -3.53 -12.70 -4.37
N ILE A 164 -3.12 -11.42 -4.36
CA ILE A 164 -2.63 -10.78 -5.59
C ILE A 164 -1.35 -11.46 -6.06
N GLN A 165 -0.47 -11.82 -5.13
CA GLN A 165 0.76 -12.51 -5.50
C GLN A 165 0.46 -13.84 -6.18
N HIS A 166 -0.50 -14.60 -5.64
CA HIS A 166 -0.87 -15.87 -6.26
C HIS A 166 -1.62 -15.65 -7.57
N GLN A 167 -2.51 -14.66 -7.61
CA GLN A 167 -3.23 -14.37 -8.85
C GLN A 167 -2.28 -13.95 -9.96
N LYS A 168 -1.26 -13.17 -9.61
CA LYS A 168 -0.23 -12.80 -10.59
C LYS A 168 0.59 -14.00 -11.02
N SER A 169 0.60 -15.09 -10.24
CA SER A 169 1.38 -16.27 -10.56
C SER A 169 0.77 -17.09 -11.69
N HIS A 170 -0.47 -16.81 -12.09
CA HIS A 170 -1.13 -17.53 -13.18
C HIS A 170 -0.86 -16.90 -14.54
N LYS A 171 0.04 -15.92 -14.62
CA LYS A 171 0.36 -15.28 -15.88
C LYS A 171 1.13 -16.24 -16.77
N ASN A 172 0.72 -16.34 -18.03
CA ASN A 172 1.34 -17.21 -19.03
C ASN A 172 1.36 -18.67 -18.58
N GLU A 173 0.44 -19.05 -17.68
CA GLU A 173 0.34 -20.40 -17.18
C GLU A 173 -0.74 -21.14 -17.93
N LYS A 174 -0.44 -22.38 -18.33
CA LYS A 174 -1.36 -23.20 -19.10
C LYS A 174 -2.12 -24.12 -18.14
N ARG A 175 -3.44 -23.99 -18.13
CA ARG A 175 -4.27 -24.70 -17.16
C ARG A 175 -4.39 -26.19 -17.45
N PHE A 176 -3.93 -26.66 -18.60
CA PHE A 176 -4.11 -28.05 -18.99
C PHE A 176 -2.78 -28.66 -19.39
N LYS A 177 -2.56 -29.91 -18.99
CA LYS A 177 -1.24 -30.54 -19.09
C LYS A 177 -1.14 -31.61 -20.18
N CYS A 178 -2.25 -32.19 -20.63
CA CYS A 178 -2.26 -33.15 -21.72
C CYS A 178 -1.32 -34.32 -21.43
N ASP A 179 -1.74 -35.13 -20.45
CA ASP A 179 -0.97 -36.22 -19.89
C ASP A 179 -0.19 -37.06 -20.91
N GLN A 180 -0.75 -37.24 -22.11
CA GLN A 180 -0.13 -38.11 -23.09
C GLN A 180 1.17 -37.55 -23.68
N CYS A 181 1.38 -36.24 -23.61
CA CYS A 181 2.58 -35.65 -24.18
C CYS A 181 2.89 -34.35 -23.43
N ASP A 182 3.74 -33.51 -24.01
CA ASP A 182 4.19 -32.27 -23.38
C ASP A 182 3.33 -31.08 -23.73
N TYR A 183 2.26 -31.27 -24.50
CA TYR A 183 1.41 -30.15 -24.91
C TYR A 183 0.74 -29.49 -23.72
N ALA A 184 0.55 -28.18 -23.81
CA ALA A 184 -0.09 -27.41 -22.76
C ALA A 184 -0.97 -26.35 -23.40
N CYS A 185 -2.27 -26.42 -23.13
CA CYS A 185 -3.26 -25.50 -23.70
C CYS A 185 -3.79 -24.57 -22.62
N ARG A 186 -4.54 -23.56 -23.08
CA ARG A 186 -5.14 -22.58 -22.17
C ARG A 186 -6.58 -22.24 -22.48
N GLN A 187 -7.08 -22.54 -23.69
CA GLN A 187 -8.42 -22.17 -24.11
C GLN A 187 -9.47 -23.23 -23.79
N GLU A 188 -9.07 -24.39 -23.28
CA GLU A 188 -9.96 -25.46 -22.81
C GLU A 188 -10.68 -26.15 -23.95
N ARG A 189 -10.55 -25.63 -25.17
CA ARG A 189 -11.09 -26.27 -26.36
C ARG A 189 -10.01 -26.89 -27.22
N HIS A 190 -8.86 -26.23 -27.35
CA HIS A 190 -7.72 -26.83 -28.04
C HIS A 190 -7.26 -28.10 -27.33
N MET A 191 -7.43 -28.16 -26.00
CA MET A 191 -7.08 -29.37 -25.26
C MET A 191 -8.00 -30.53 -25.63
N ILE A 192 -9.29 -30.25 -25.84
CA ILE A 192 -10.20 -31.28 -26.32
C ILE A 192 -9.78 -31.74 -27.71
N MET A 193 -9.45 -30.80 -28.60
CA MET A 193 -9.01 -31.15 -29.94
C MET A 193 -7.72 -31.95 -29.92
N HIS A 194 -6.76 -31.54 -29.08
CA HIS A 194 -5.51 -32.28 -28.98
C HIS A 194 -5.72 -33.68 -28.43
N LYS A 195 -6.75 -33.87 -27.60
CA LYS A 195 -7.06 -35.21 -27.11
C LYS A 195 -7.48 -36.13 -28.24
N ARG A 196 -8.20 -35.59 -29.23
CA ARG A 196 -8.66 -36.40 -30.35
C ARG A 196 -7.50 -36.87 -31.22
N THR A 197 -6.46 -36.05 -31.35
CA THR A 197 -5.33 -36.40 -32.20
C THR A 197 -4.59 -37.63 -31.69
N HIS A 198 -4.60 -37.86 -30.38
CA HIS A 198 -3.87 -38.98 -29.82
C HIS A 198 -4.53 -40.32 -30.08
N THR A 199 -5.83 -40.34 -30.42
CA THR A 199 -6.55 -41.60 -30.55
C THR A 199 -5.99 -42.48 -31.66
N GLY A 200 -5.65 -41.90 -32.81
CA GLY A 200 -5.04 -42.68 -33.87
C GLY A 200 -3.57 -42.92 -33.60
N GLU A 201 -3.27 -43.85 -32.69
CA GLU A 201 -1.88 -44.10 -32.32
C GLU A 201 -1.10 -44.71 -33.48
N LYS A 202 -1.48 -45.92 -33.90
CA LYS A 202 -0.80 -46.68 -34.94
C LYS A 202 0.70 -46.79 -34.64
N PRO A 203 1.07 -47.54 -33.60
CA PRO A 203 2.49 -47.58 -33.22
C PRO A 203 3.41 -48.16 -34.27
N TYR A 204 2.95 -49.15 -35.04
CA TYR A 204 3.79 -49.81 -36.03
C TYR A 204 3.83 -49.01 -37.32
N ALA A 205 5.02 -48.83 -37.88
CA ALA A 205 5.20 -48.06 -39.10
C ALA A 205 6.12 -48.83 -40.05
N CYS A 206 5.94 -48.57 -41.34
CA CYS A 206 6.75 -49.22 -42.36
C CYS A 206 8.07 -48.49 -42.52
N SER A 207 9.13 -49.24 -42.80
CA SER A 207 10.45 -48.67 -42.97
C SER A 207 10.72 -48.20 -44.40
N HIS A 208 9.79 -48.44 -45.34
CA HIS A 208 9.99 -48.07 -46.73
C HIS A 208 8.91 -47.17 -47.29
N CYS A 209 7.72 -47.13 -46.69
CA CYS A 209 6.70 -46.17 -47.08
C CYS A 209 6.08 -45.58 -45.81
N ASP A 210 5.23 -44.58 -45.99
CA ASP A 210 4.74 -43.79 -44.87
C ASP A 210 3.60 -44.45 -44.11
N LYS A 211 3.08 -45.59 -44.58
CA LYS A 211 1.93 -46.20 -43.94
C LYS A 211 2.26 -46.69 -42.54
N THR A 212 1.25 -46.65 -41.67
CA THR A 212 1.36 -47.11 -40.29
C THR A 212 0.18 -48.02 -39.97
N PHE A 213 0.39 -48.93 -39.03
CA PHE A 213 -0.60 -49.96 -38.71
C PHE A 213 -0.70 -50.19 -37.21
N ARG A 214 -1.90 -50.59 -36.77
CA ARG A 214 -2.11 -50.88 -35.36
C ARG A 214 -1.65 -52.28 -34.97
N GLN A 215 -1.60 -53.20 -35.93
CA GLN A 215 -1.23 -54.59 -35.66
C GLN A 215 0.04 -54.95 -36.40
N LYS A 216 0.91 -55.71 -35.72
CA LYS A 216 2.13 -56.20 -36.35
C LYS A 216 1.82 -57.06 -37.56
N GLN A 217 0.74 -57.84 -37.49
CA GLN A 217 0.36 -58.70 -38.62
C GLN A 217 0.02 -57.86 -39.85
N LEU A 218 -0.71 -56.75 -39.66
CA LEU A 218 -1.02 -55.88 -40.79
C LEU A 218 0.24 -55.27 -41.39
N LEU A 219 1.19 -54.87 -40.54
CA LEU A 219 2.44 -54.30 -41.04
C LEU A 219 3.22 -55.33 -41.85
N ASP A 220 3.33 -56.56 -41.35
CA ASP A 220 4.15 -57.56 -42.01
C ASP A 220 3.56 -57.97 -43.36
N MET A 221 2.24 -58.14 -43.43
CA MET A 221 1.65 -58.51 -44.71
C MET A 221 1.71 -57.36 -45.71
N HIS A 222 1.68 -56.11 -45.22
CA HIS A 222 1.98 -54.98 -46.09
C HIS A 222 3.42 -55.02 -46.57
N PHE A 223 4.35 -55.33 -45.67
CA PHE A 223 5.76 -55.38 -46.03
C PHE A 223 6.04 -56.53 -47.00
N LYS A 224 5.43 -57.69 -46.75
CA LYS A 224 5.68 -58.85 -47.60
C LYS A 224 5.15 -58.66 -49.02
N ARG A 225 4.21 -57.73 -49.22
CA ARG A 225 3.65 -57.50 -50.55
C ARG A 225 4.37 -56.37 -51.27
N TYR A 226 4.38 -55.17 -50.70
CA TYR A 226 4.96 -54.01 -51.37
C TYR A 226 6.48 -54.01 -51.32
N HIS A 227 7.08 -54.49 -50.24
CA HIS A 227 8.52 -54.33 -50.00
C HIS A 227 9.22 -55.68 -49.88
N ASP A 228 8.87 -56.63 -50.73
CA ASP A 228 9.51 -57.95 -50.67
C ASP A 228 10.96 -57.81 -51.12
N PRO A 229 11.93 -58.25 -50.32
CA PRO A 229 13.34 -58.05 -50.69
C PRO A 229 13.81 -58.95 -51.83
N ASN A 230 13.08 -60.00 -52.15
CA ASN A 230 13.45 -60.93 -53.21
C ASN A 230 12.35 -61.07 -54.25
N PHE A 231 11.76 -59.93 -54.65
CA PHE A 231 10.72 -59.94 -55.67
C PHE A 231 11.34 -60.01 -57.06
N VAL A 232 10.70 -60.77 -57.95
CA VAL A 232 11.16 -60.96 -59.31
C VAL A 232 10.03 -60.55 -60.25
N PRO A 233 10.25 -59.57 -61.14
CA PRO A 233 9.25 -59.13 -62.12
C PRO A 233 9.01 -60.15 -63.24
C1 EDO D . -2.91 -22.74 -26.42
O1 EDO D . -2.80 -22.76 -27.84
C2 EDO D . -3.09 -21.30 -25.92
O2 EDO D . -4.28 -20.75 -26.49
ZN ZN E . 16.04 33.66 27.27
ZN ZN F . -4.06 15.33 31.68
ZN ZN G . -18.08 23.66 9.67
ZN ZN H . 6.32 23.48 -4.34
ZN ZN I . 4.00 -4.72 2.01
ZN ZN J . -5.09 -18.87 -8.21
ZN ZN K . -0.90 -34.95 -25.96
ZN ZN L . 5.49 -49.90 -46.76
C1 EDO M . -9.83 15.55 2.38
O1 EDO M . -9.45 14.63 3.41
C2 EDO M . -11.16 15.13 1.78
O2 EDO M . -11.65 16.18 0.93
#